data_2PHH
#
_entry.id   2PHH
#
_cell.length_a   71.700
_cell.length_b   146.400
_cell.length_c   89.200
_cell.angle_alpha   90.00
_cell.angle_beta   90.00
_cell.angle_gamma   90.00
#
_symmetry.space_group_name_H-M   'C 2 2 21'
#
loop_
_entity.id
_entity.type
_entity.pdbx_description
1 polymer 'P-HYDROXYBENZOATE HYDROXYLASE'
2 non-polymer ADENOSINE-5-DIPHOSPHORIBOSE
3 non-polymer 'P-HYDROXYBENZOIC ACID'
4 water water
#
_entity_poly.entity_id   1
_entity_poly.type   'polypeptide(L)'
_entity_poly.pdbx_seq_one_letter_code
;MKTQVAIIGAGPSGLLLGQLLHKAGIDNVILERQTPDYVLGRIRAGVLEQGMVDLLREAGVDRRMARDGLVHEGVEIAFA
GQRRRIDLKRLSGGKTVTVYGQTEVTRDLMEAREACGATTVYQAAEVRLHDLQGERPYVTFERDGERLRLDCDYIAGCDG
FHGISRQSIPAERLKVFERVYPFGWLGLLADTPPVSHELIYANHPRGFALCSQRSATRSRYYVQVPLTEKVEDWSDERFW
TELKARLPAEVAEKLVTGPSLEKSIAPLRSFVVEPMQHGRLFLAGDAAHIVPPTGAKGLNLAASDVSTLYRLLLKAYREG
RGELLERYSAICLRRIWKAERFSWWMTSVLHRFPDTDAFSQRIQQTELEYYLGSEAGLATIAENYVGLPYEEIE
;
_entity_poly.pdbx_strand_id   A
#
# COMPACT_ATOMS: atom_id res chain seq x y z
N MET A 1 -29.42 10.93 -9.51
CA MET A 1 -28.82 10.52 -8.26
C MET A 1 -28.18 11.71 -7.54
N LYS A 2 -28.18 11.50 -6.26
CA LYS A 2 -27.63 12.40 -5.24
C LYS A 2 -27.32 11.42 -4.10
N THR A 3 -26.34 11.75 -3.33
CA THR A 3 -25.79 11.03 -2.19
C THR A 3 -25.01 12.02 -1.33
N GLN A 4 -24.41 11.52 -0.27
CA GLN A 4 -23.63 12.39 0.66
C GLN A 4 -22.16 12.49 0.31
N VAL A 5 -21.49 11.37 0.23
CA VAL A 5 -20.04 11.34 -0.10
C VAL A 5 -19.88 10.43 -1.29
N ALA A 6 -19.55 10.91 -2.45
CA ALA A 6 -19.38 10.07 -3.66
C ALA A 6 -17.89 9.77 -3.73
N ILE A 7 -17.59 8.49 -3.75
CA ILE A 7 -16.21 7.96 -3.79
C ILE A 7 -15.90 7.47 -5.20
N ILE A 8 -14.69 7.79 -5.61
CA ILE A 8 -14.13 7.41 -6.91
C ILE A 8 -13.10 6.31 -6.66
N GLY A 9 -13.25 5.15 -7.24
CA GLY A 9 -12.29 4.05 -7.05
C GLY A 9 -12.94 3.03 -6.13
N ALA A 10 -12.85 1.78 -6.54
CA ALA A 10 -13.43 0.65 -5.78
C ALA A 10 -12.29 -0.32 -5.41
N GLY A 11 -11.22 0.33 -4.94
CA GLY A 11 -9.98 -0.33 -4.51
C GLY A 11 -10.02 -0.33 -2.98
N PRO A 12 -8.92 -0.79 -2.41
CA PRO A 12 -8.78 -0.84 -0.94
C PRO A 12 -9.30 0.43 -0.30
N SER A 13 -8.61 1.54 -0.46
CA SER A 13 -8.92 2.85 0.08
C SER A 13 -10.41 3.15 -0.03
N GLY A 14 -10.85 3.33 -1.25
CA GLY A 14 -12.25 3.61 -1.62
C GLY A 14 -13.25 2.70 -0.92
N LEU A 15 -13.05 1.39 -1.05
CA LEU A 15 -13.93 0.40 -0.45
C LEU A 15 -13.88 0.45 1.07
N LEU A 16 -12.80 1.00 1.61
CA LEU A 16 -12.69 1.06 3.07
C LEU A 16 -13.51 2.22 3.61
N LEU A 17 -13.24 3.36 2.98
CA LEU A 17 -13.94 4.62 3.35
C LEU A 17 -15.43 4.34 3.19
N GLY A 18 -15.72 3.73 2.05
CA GLY A 18 -17.06 3.37 1.64
C GLY A 18 -17.86 2.56 2.66
N GLN A 19 -17.18 1.54 3.18
CA GLN A 19 -17.80 0.65 4.16
C GLN A 19 -17.99 1.42 5.48
N LEU A 20 -16.86 1.88 5.96
CA LEU A 20 -16.80 2.60 7.23
C LEU A 20 -17.96 3.58 7.34
N LEU A 21 -18.07 4.44 6.33
CA LEU A 21 -19.15 5.44 6.30
C LEU A 21 -20.54 4.84 6.31
N HIS A 22 -20.78 3.81 5.51
CA HIS A 22 -22.09 3.15 5.43
C HIS A 22 -22.56 2.79 6.83
N LYS A 23 -21.63 2.30 7.61
CA LYS A 23 -21.93 1.92 9.01
C LYS A 23 -22.27 3.11 9.91
N ALA A 24 -21.70 4.25 9.58
CA ALA A 24 -21.86 5.49 10.35
C ALA A 24 -23.10 6.24 9.96
N GLY A 25 -23.80 5.69 8.96
CA GLY A 25 -25.05 6.23 8.47
C GLY A 25 -24.86 7.39 7.53
N ILE A 26 -23.67 7.50 6.98
CA ILE A 26 -23.39 8.59 5.98
C ILE A 26 -23.48 7.84 4.65
N ASP A 27 -24.47 8.14 3.86
CA ASP A 27 -24.68 7.47 2.55
C ASP A 27 -23.48 7.83 1.68
N ASN A 28 -23.01 6.86 0.95
CA ASN A 28 -21.84 7.05 0.06
C ASN A 28 -22.12 6.43 -1.29
N VAL A 29 -21.33 6.67 -2.31
CA VAL A 29 -21.54 6.06 -3.65
C VAL A 29 -20.14 5.82 -4.26
N ILE A 30 -19.90 4.58 -4.64
CA ILE A 30 -18.60 4.25 -5.25
C ILE A 30 -18.73 4.22 -6.76
N LEU A 31 -17.79 4.89 -7.40
CA LEU A 31 -17.64 4.98 -8.87
C LEU A 31 -16.28 4.32 -9.23
N GLU A 32 -16.34 3.24 -10.01
CA GLU A 32 -15.19 2.47 -10.50
C GLU A 32 -15.25 2.22 -12.01
N ARG A 33 -14.13 2.44 -12.66
CA ARG A 33 -13.90 2.31 -14.10
C ARG A 33 -13.87 0.87 -14.63
N GLN A 34 -13.24 0.01 -13.84
CA GLN A 34 -13.14 -1.41 -14.31
C GLN A 34 -14.17 -2.23 -13.59
N THR A 35 -14.25 -3.49 -13.92
CA THR A 35 -15.18 -4.44 -13.32
C THR A 35 -14.57 -5.01 -12.05
N PRO A 36 -15.43 -5.57 -11.22
CA PRO A 36 -15.04 -6.17 -9.96
C PRO A 36 -14.06 -7.31 -10.00
N ASP A 37 -13.89 -8.08 -11.08
CA ASP A 37 -12.93 -9.21 -11.09
C ASP A 37 -11.55 -8.69 -11.54
N TYR A 38 -11.66 -7.65 -12.36
CA TYR A 38 -10.46 -6.99 -12.88
C TYR A 38 -9.70 -6.50 -11.63
N VAL A 39 -10.49 -5.79 -10.82
CA VAL A 39 -9.95 -5.20 -9.59
C VAL A 39 -9.54 -6.37 -8.70
N LEU A 40 -10.36 -7.42 -8.82
CA LEU A 40 -10.05 -8.58 -7.93
C LEU A 40 -8.79 -9.28 -8.34
N GLY A 41 -8.32 -9.07 -9.56
CA GLY A 41 -7.13 -9.73 -10.04
C GLY A 41 -5.78 -9.22 -9.62
N ARG A 42 -5.72 -8.05 -9.03
CA ARG A 42 -4.47 -7.37 -8.63
C ARG A 42 -3.88 -8.00 -7.39
N ILE A 43 -2.62 -8.40 -7.51
CA ILE A 43 -1.91 -9.09 -6.41
C ILE A 43 -1.37 -8.20 -5.32
N ARG A 44 -0.62 -7.18 -5.62
CA ARG A 44 -0.06 -6.19 -4.72
C ARG A 44 0.29 -6.64 -3.32
N ALA A 45 -0.22 -5.93 -2.32
CA ALA A 45 -0.08 -6.00 -0.90
C ALA A 45 -0.14 -7.36 -0.22
N GLY A 46 0.59 -7.40 0.91
CA GLY A 46 0.67 -8.59 1.73
C GLY A 46 0.88 -8.37 3.21
N VAL A 47 1.30 -7.18 3.62
CA VAL A 47 1.52 -6.90 5.06
C VAL A 47 0.75 -5.64 5.48
N LEU A 48 0.00 -5.82 6.57
CA LEU A 48 -0.79 -4.72 7.12
C LEU A 48 -0.41 -4.57 8.60
N GLU A 49 -0.17 -3.33 8.98
CA GLU A 49 0.15 -3.02 10.36
C GLU A 49 -1.11 -3.15 11.20
N GLN A 50 -0.97 -3.02 12.51
CA GLN A 50 -2.08 -3.13 13.45
C GLN A 50 -3.23 -2.18 13.16
N GLY A 51 -2.91 -0.95 12.81
CA GLY A 51 -3.88 0.10 12.53
C GLY A 51 -4.85 -0.31 11.44
N MET A 52 -4.30 -0.84 10.36
CA MET A 52 -5.12 -1.26 9.20
C MET A 52 -5.96 -2.45 9.64
N VAL A 53 -5.40 -3.20 10.59
CA VAL A 53 -6.08 -4.40 11.12
C VAL A 53 -7.31 -3.94 11.88
N ASP A 54 -7.09 -3.16 12.93
CA ASP A 54 -8.19 -2.64 13.76
C ASP A 54 -9.22 -1.95 12.88
N LEU A 55 -8.77 -1.16 11.91
CA LEU A 55 -9.71 -0.45 11.00
C LEU A 55 -10.59 -1.53 10.39
N LEU A 56 -9.90 -2.54 9.87
CA LEU A 56 -10.64 -3.68 9.25
C LEU A 56 -11.70 -4.11 10.25
N ARG A 57 -11.28 -4.42 11.46
CA ARG A 57 -12.17 -4.80 12.56
C ARG A 57 -13.34 -3.80 12.72
N GLU A 58 -13.03 -2.52 12.64
CA GLU A 58 -14.00 -1.44 12.80
C GLU A 58 -15.03 -1.33 11.71
N ALA A 59 -14.75 -1.72 10.48
CA ALA A 59 -15.77 -1.67 9.42
C ALA A 59 -16.52 -3.02 9.45
N GLY A 60 -16.22 -3.82 10.47
CA GLY A 60 -16.84 -5.13 10.64
C GLY A 60 -16.42 -6.10 9.53
N VAL A 61 -15.27 -5.81 8.95
CA VAL A 61 -14.71 -6.60 7.84
C VAL A 61 -13.55 -7.45 8.34
N ASP A 62 -13.69 -8.11 9.48
CA ASP A 62 -12.48 -8.89 9.89
C ASP A 62 -12.68 -10.36 10.16
N ARG A 63 -13.86 -10.85 9.85
CA ARG A 63 -14.18 -12.28 10.05
C ARG A 63 -13.03 -13.14 9.49
N ARG A 64 -12.90 -13.16 8.19
CA ARG A 64 -11.89 -13.89 7.44
C ARG A 64 -10.44 -13.62 7.82
N MET A 65 -10.10 -12.35 7.89
CA MET A 65 -8.76 -11.88 8.26
C MET A 65 -8.37 -12.53 9.58
N ALA A 66 -9.22 -12.35 10.60
CA ALA A 66 -8.91 -12.94 11.92
C ALA A 66 -8.63 -14.42 11.79
N ARG A 67 -9.29 -15.09 10.87
CA ARG A 67 -9.18 -16.51 10.59
C ARG A 67 -8.05 -17.00 9.69
N ASP A 68 -7.66 -16.32 8.64
CA ASP A 68 -6.65 -16.74 7.70
C ASP A 68 -5.34 -15.96 7.64
N GLY A 69 -5.35 -14.72 8.02
CA GLY A 69 -4.10 -13.90 7.97
C GLY A 69 -3.23 -14.48 9.11
N LEU A 70 -1.93 -14.27 8.99
CA LEU A 70 -0.92 -14.76 9.91
C LEU A 70 -0.30 -13.66 10.76
N VAL A 71 0.02 -14.01 12.01
CA VAL A 71 0.68 -12.97 12.89
C VAL A 71 2.19 -13.28 12.89
N HIS A 72 2.93 -12.23 12.71
CA HIS A 72 4.36 -12.20 12.59
C HIS A 72 4.99 -11.37 13.68
N GLU A 73 5.87 -12.06 14.41
CA GLU A 73 6.60 -11.39 15.50
C GLU A 73 8.03 -11.11 15.09
N GLY A 74 8.41 -11.37 13.83
CA GLY A 74 9.77 -11.10 13.36
C GLY A 74 9.98 -10.90 11.88
N VAL A 75 11.17 -10.42 11.54
CA VAL A 75 11.66 -10.20 10.16
C VAL A 75 13.19 -10.50 10.22
N GLU A 76 13.76 -10.73 9.09
CA GLU A 76 15.08 -11.02 8.71
C GLU A 76 15.70 -10.14 7.63
N ILE A 77 16.92 -9.74 7.91
CA ILE A 77 17.80 -8.99 7.01
C ILE A 77 19.05 -9.88 6.83
N ALA A 78 19.22 -10.30 5.60
CA ALA A 78 20.36 -11.14 5.18
C ALA A 78 21.20 -10.22 4.28
N PHE A 79 22.30 -9.74 4.82
CA PHE A 79 23.15 -8.82 4.05
C PHE A 79 24.49 -9.54 3.93
N ALA A 80 24.96 -9.50 2.71
CA ALA A 80 26.23 -10.09 2.25
C ALA A 80 27.00 -10.75 3.39
N GLY A 81 26.75 -12.05 3.57
CA GLY A 81 27.39 -12.83 4.62
C GLY A 81 26.48 -13.60 5.54
N GLN A 82 25.84 -12.93 6.45
CA GLN A 82 24.99 -13.46 7.52
C GLN A 82 23.50 -13.20 7.40
N ARG A 83 22.78 -13.46 8.51
CA ARG A 83 21.34 -13.26 8.59
C ARG A 83 20.88 -12.98 10.03
N ARG A 84 20.59 -11.72 10.21
CA ARG A 84 20.09 -11.09 11.43
C ARG A 84 18.56 -11.00 11.38
N ARG A 85 17.98 -11.11 12.56
CA ARG A 85 16.51 -11.09 12.70
C ARG A 85 16.10 -9.91 13.58
N ILE A 86 14.92 -9.35 13.33
CA ILE A 86 14.40 -8.26 14.14
C ILE A 86 13.12 -8.68 14.88
N ASP A 87 13.27 -8.64 16.20
CA ASP A 87 12.15 -8.95 17.11
C ASP A 87 11.35 -7.62 17.20
N LEU A 88 10.42 -7.54 16.27
CA LEU A 88 9.52 -6.39 16.14
C LEU A 88 8.67 -6.43 17.43
N LYS A 89 8.08 -7.57 17.69
CA LYS A 89 7.26 -7.81 18.88
C LYS A 89 7.93 -7.32 20.16
N ARG A 90 9.20 -7.59 20.41
CA ARG A 90 9.86 -7.10 21.64
C ARG A 90 10.34 -5.66 21.49
N LEU A 91 11.04 -5.32 20.45
CA LEU A 91 11.54 -3.94 20.25
C LEU A 91 10.46 -2.90 19.99
N SER A 92 9.28 -3.34 19.56
CA SER A 92 8.23 -2.32 19.33
C SER A 92 7.47 -2.09 20.64
N GLY A 93 7.84 -2.89 21.63
CA GLY A 93 7.15 -2.79 22.95
C GLY A 93 5.75 -3.37 22.74
N GLY A 94 5.70 -4.57 22.18
CA GLY A 94 4.56 -5.38 21.92
C GLY A 94 3.83 -5.54 20.63
N LYS A 95 4.17 -4.80 19.61
CA LYS A 95 3.48 -4.80 18.32
C LYS A 95 3.83 -5.88 17.33
N THR A 96 3.11 -5.93 16.21
CA THR A 96 3.29 -6.91 15.14
C THR A 96 2.75 -6.37 13.80
N VAL A 97 2.76 -7.24 12.82
CA VAL A 97 2.24 -6.99 11.47
C VAL A 97 1.56 -8.30 11.02
N THR A 98 0.61 -8.19 10.13
CA THR A 98 -0.18 -9.26 9.54
C THR A 98 0.08 -9.41 8.04
N VAL A 99 0.18 -10.67 7.65
CA VAL A 99 0.37 -11.04 6.24
C VAL A 99 -0.99 -11.52 5.74
N TYR A 100 -1.58 -10.68 4.91
CA TYR A 100 -2.93 -10.95 4.35
C TYR A 100 -3.14 -10.11 3.11
N GLY A 101 -2.88 -10.69 1.95
CA GLY A 101 -3.00 -10.09 0.66
C GLY A 101 -3.99 -8.99 0.38
N GLN A 102 -3.53 -8.04 -0.45
CA GLN A 102 -4.33 -6.89 -0.89
C GLN A 102 -5.63 -7.44 -1.49
N THR A 103 -5.45 -8.45 -2.32
CA THR A 103 -6.51 -9.15 -3.00
C THR A 103 -7.61 -9.63 -2.04
N GLU A 104 -7.19 -10.27 -0.97
CA GLU A 104 -8.09 -10.80 0.04
C GLU A 104 -8.89 -9.72 0.72
N VAL A 105 -8.19 -8.64 1.05
CA VAL A 105 -8.81 -7.46 1.67
C VAL A 105 -9.91 -6.91 0.75
N THR A 106 -9.48 -6.71 -0.51
CA THR A 106 -10.37 -6.24 -1.58
C THR A 106 -11.60 -7.16 -1.66
N ARG A 107 -11.38 -8.46 -1.78
CA ARG A 107 -12.52 -9.41 -1.85
C ARG A 107 -13.35 -9.23 -0.57
N ASP A 108 -12.70 -9.12 0.58
CA ASP A 108 -13.47 -8.93 1.83
C ASP A 108 -14.32 -7.66 1.93
N LEU A 109 -13.80 -6.51 1.47
CA LEU A 109 -14.63 -5.28 1.59
C LEU A 109 -15.79 -5.41 0.60
N MET A 110 -15.47 -5.86 -0.61
CA MET A 110 -16.40 -6.09 -1.70
C MET A 110 -17.60 -6.94 -1.30
N GLU A 111 -17.37 -7.94 -0.47
CA GLU A 111 -18.39 -8.82 0.06
C GLU A 111 -19.29 -8.01 1.05
N ALA A 112 -18.62 -7.37 2.00
CA ALA A 112 -19.36 -6.57 2.99
C ALA A 112 -20.37 -5.62 2.31
N ARG A 113 -19.86 -4.81 1.41
CA ARG A 113 -20.58 -3.78 0.67
C ARG A 113 -21.84 -4.26 -0.02
N GLU A 114 -21.64 -5.14 -0.95
CA GLU A 114 -22.68 -5.79 -1.77
C GLU A 114 -23.80 -6.19 -0.83
N ALA A 115 -23.41 -6.78 0.28
CA ALA A 115 -24.28 -7.26 1.35
C ALA A 115 -25.06 -6.17 2.02
N CYS A 116 -24.48 -5.02 2.26
CA CYS A 116 -25.18 -3.88 2.92
C CYS A 116 -26.06 -3.06 1.99
N GLY A 117 -25.90 -3.33 0.72
CA GLY A 117 -26.49 -2.86 -0.48
C GLY A 117 -26.03 -1.47 -0.84
N ALA A 118 -24.81 -1.17 -0.39
CA ALA A 118 -24.30 0.21 -0.69
C ALA A 118 -24.14 0.29 -2.21
N THR A 119 -24.31 1.49 -2.74
CA THR A 119 -24.22 1.67 -4.20
C THR A 119 -22.76 1.50 -4.63
N THR A 120 -22.56 1.01 -5.82
CA THR A 120 -21.25 0.86 -6.42
C THR A 120 -21.47 0.82 -7.94
N VAL A 121 -21.08 1.90 -8.59
CA VAL A 121 -21.27 1.97 -10.06
C VAL A 121 -19.99 1.44 -10.69
N TYR A 122 -20.08 0.19 -11.17
CA TYR A 122 -18.85 -0.38 -11.77
C TYR A 122 -18.84 0.00 -13.24
N GLN A 123 -17.66 -0.07 -13.83
CA GLN A 123 -17.49 0.22 -15.26
C GLN A 123 -17.98 1.62 -15.66
N ALA A 124 -18.04 2.49 -14.67
CA ALA A 124 -18.46 3.88 -14.84
C ALA A 124 -17.30 4.56 -15.55
N ALA A 125 -17.60 5.01 -16.76
CA ALA A 125 -16.56 5.61 -17.61
C ALA A 125 -16.63 7.11 -17.56
N GLU A 126 -15.63 7.73 -18.14
CA GLU A 126 -15.54 9.19 -18.21
C GLU A 126 -16.00 9.88 -16.95
N VAL A 127 -15.36 9.46 -15.84
CA VAL A 127 -15.75 10.13 -14.55
C VAL A 127 -15.20 11.55 -14.59
N ARG A 128 -15.97 12.48 -14.05
CA ARG A 128 -15.60 13.91 -14.02
C ARG A 128 -16.14 14.57 -12.75
N LEU A 129 -15.28 15.36 -12.13
CA LEU A 129 -15.55 16.11 -10.89
C LEU A 129 -15.89 17.57 -11.18
N HIS A 130 -16.97 18.06 -10.61
CA HIS A 130 -17.43 19.43 -10.86
C HIS A 130 -17.78 20.29 -9.67
N ASP A 131 -17.67 21.60 -9.93
CA ASP A 131 -17.93 22.65 -8.92
C ASP A 131 -17.30 22.22 -7.60
N LEU A 132 -16.00 22.13 -7.65
CA LEU A 132 -15.14 21.69 -6.55
C LEU A 132 -15.10 22.59 -5.33
N GLN A 133 -15.14 23.91 -5.41
CA GLN A 133 -15.08 24.79 -4.24
C GLN A 133 -16.44 25.36 -3.85
N GLY A 134 -17.49 24.96 -4.52
CA GLY A 134 -18.85 25.41 -4.27
C GLY A 134 -19.52 24.82 -3.04
N GLU A 135 -20.83 25.10 -2.99
CA GLU A 135 -21.65 24.62 -1.88
C GLU A 135 -22.23 23.27 -2.24
N ARG A 136 -22.12 22.91 -3.51
CA ARG A 136 -22.59 21.60 -3.98
C ARG A 136 -21.84 21.13 -5.24
N PRO A 137 -20.84 20.29 -4.96
CA PRO A 137 -20.01 19.69 -6.01
C PRO A 137 -20.74 18.56 -6.69
N TYR A 138 -20.21 18.10 -7.83
CA TYR A 138 -20.84 16.96 -8.49
C TYR A 138 -19.84 16.14 -9.30
N VAL A 139 -20.31 14.93 -9.57
CA VAL A 139 -19.64 13.96 -10.41
C VAL A 139 -20.57 13.65 -11.61
N THR A 140 -19.99 13.65 -12.80
CA THR A 140 -20.64 13.27 -14.04
C THR A 140 -19.82 12.02 -14.50
N PHE A 141 -20.52 11.07 -15.05
CA PHE A 141 -19.91 9.81 -15.54
C PHE A 141 -20.80 9.18 -16.59
N GLU A 142 -20.35 8.14 -17.24
CA GLU A 142 -21.14 7.48 -18.28
C GLU A 142 -21.39 6.01 -17.98
N ARG A 143 -22.65 5.66 -18.21
CA ARG A 143 -23.13 4.24 -18.01
C ARG A 143 -23.59 3.88 -19.43
N ASP A 144 -22.74 3.10 -20.09
CA ASP A 144 -22.90 2.72 -21.50
C ASP A 144 -22.36 3.91 -22.34
N GLY A 145 -23.27 4.79 -22.66
CA GLY A 145 -23.15 6.02 -23.43
C GLY A 145 -24.28 6.98 -22.97
N GLU A 146 -24.53 6.84 -21.68
CA GLU A 146 -25.53 7.62 -20.92
C GLU A 146 -24.72 8.43 -19.92
N ARG A 147 -24.73 9.74 -19.97
CA ARG A 147 -23.92 10.53 -18.99
C ARG A 147 -24.84 11.06 -17.91
N LEU A 148 -24.63 10.57 -16.71
CA LEU A 148 -25.36 10.84 -15.50
C LEU A 148 -24.72 11.81 -14.52
N ARG A 149 -25.51 12.19 -13.54
CA ARG A 149 -25.05 13.14 -12.51
C ARG A 149 -25.38 12.68 -11.10
N LEU A 150 -24.38 12.76 -10.24
CA LEU A 150 -24.41 12.41 -8.84
C LEU A 150 -24.03 13.65 -8.01
N ASP A 151 -25.05 14.18 -7.36
CA ASP A 151 -24.93 15.39 -6.51
C ASP A 151 -24.41 14.96 -5.15
N CYS A 152 -23.44 15.69 -4.60
CA CYS A 152 -22.90 15.23 -3.28
C CYS A 152 -22.50 16.40 -2.43
N ASP A 153 -22.11 16.14 -1.19
CA ASP A 153 -21.67 17.29 -0.35
C ASP A 153 -20.11 17.31 -0.43
N TYR A 154 -19.54 16.13 -0.49
CA TYR A 154 -18.10 15.93 -0.57
C TYR A 154 -17.72 14.79 -1.52
N ILE A 155 -16.47 14.91 -1.99
CA ILE A 155 -15.96 13.87 -2.89
C ILE A 155 -14.73 13.21 -2.30
N ALA A 156 -14.72 11.90 -2.29
CA ALA A 156 -13.52 11.16 -1.78
C ALA A 156 -12.67 10.69 -2.96
N GLY A 157 -11.59 11.42 -3.18
CA GLY A 157 -10.63 11.19 -4.25
C GLY A 157 -9.75 9.97 -3.98
N CYS A 158 -10.27 8.80 -4.26
CA CYS A 158 -9.67 7.51 -4.02
C CYS A 158 -9.38 6.72 -5.28
N ASP A 159 -9.03 7.37 -6.37
CA ASP A 159 -8.80 6.66 -7.64
C ASP A 159 -7.37 6.29 -7.91
N GLY A 160 -6.52 6.22 -6.91
CA GLY A 160 -5.13 5.78 -7.14
C GLY A 160 -4.24 6.68 -7.96
N PHE A 161 -2.99 6.21 -8.16
CA PHE A 161 -1.97 6.97 -8.88
C PHE A 161 -2.41 7.65 -10.18
N HIS A 162 -2.86 6.86 -11.11
CA HIS A 162 -3.35 7.37 -12.39
C HIS A 162 -4.81 7.77 -12.30
N GLY A 163 -5.32 8.08 -11.12
CA GLY A 163 -6.73 8.48 -10.95
C GLY A 163 -7.03 9.88 -11.48
N ILE A 164 -8.32 10.22 -11.59
CA ILE A 164 -8.70 11.56 -12.08
C ILE A 164 -8.73 12.59 -10.98
N SER A 165 -8.85 12.21 -9.73
CA SER A 165 -8.93 13.13 -8.58
C SER A 165 -7.94 14.29 -8.52
N ARG A 166 -6.70 13.93 -8.21
CA ARG A 166 -5.57 14.85 -8.10
C ARG A 166 -5.58 15.76 -9.33
N GLN A 167 -5.79 15.18 -10.49
CA GLN A 167 -5.74 16.01 -11.71
C GLN A 167 -6.75 17.16 -11.64
N SER A 168 -7.90 16.97 -11.06
CA SER A 168 -8.99 17.92 -10.94
C SER A 168 -8.69 19.16 -10.10
N ILE A 169 -7.58 19.12 -9.39
CA ILE A 169 -7.03 20.17 -8.57
C ILE A 169 -6.15 21.06 -9.48
N PRO A 170 -6.42 22.35 -9.43
CA PRO A 170 -5.67 23.33 -10.24
C PRO A 170 -4.18 23.14 -10.01
N ALA A 171 -3.47 22.63 -11.01
CA ALA A 171 -2.03 22.38 -10.89
C ALA A 171 -1.28 23.38 -10.03
N GLU A 172 -1.50 24.66 -10.27
CA GLU A 172 -0.79 25.72 -9.55
C GLU A 172 -0.95 25.66 -8.05
N ARG A 173 -2.01 25.05 -7.58
CA ARG A 173 -2.33 24.93 -6.16
C ARG A 173 -1.61 23.82 -5.44
N LEU A 174 -1.12 22.84 -6.16
CA LEU A 174 -0.41 21.68 -5.65
C LEU A 174 1.11 21.64 -5.78
N LYS A 175 1.83 21.19 -4.75
CA LYS A 175 3.32 21.09 -4.86
C LYS A 175 3.76 19.64 -4.73
N VAL A 176 4.52 19.17 -5.69
CA VAL A 176 4.99 17.79 -5.86
C VAL A 176 6.43 17.42 -5.48
N PHE A 177 6.52 16.30 -4.72
CA PHE A 177 7.83 15.80 -4.31
C PHE A 177 7.97 14.35 -4.79
N GLU A 178 8.78 14.16 -5.82
CA GLU A 178 8.94 12.79 -6.32
C GLU A 178 10.35 12.37 -6.69
N ARG A 179 10.61 11.16 -6.22
CA ARG A 179 11.87 10.44 -6.42
C ARG A 179 11.51 9.15 -7.17
N VAL A 180 12.32 8.86 -8.14
CA VAL A 180 12.18 7.71 -9.05
C VAL A 180 13.48 6.92 -9.04
N TYR A 181 13.42 5.67 -8.67
CA TYR A 181 14.57 4.76 -8.54
C TYR A 181 14.88 4.04 -9.85
N PRO A 182 16.18 3.87 -10.10
CA PRO A 182 16.73 3.24 -11.29
C PRO A 182 16.68 1.73 -11.27
N PHE A 183 15.57 1.21 -10.79
CA PHE A 183 15.41 -0.26 -10.75
C PHE A 183 13.94 -0.58 -10.49
N GLY A 184 13.67 -1.86 -10.63
CA GLY A 184 12.31 -2.37 -10.40
C GLY A 184 12.42 -3.67 -9.58
N TRP A 185 11.24 -4.19 -9.31
CA TRP A 185 11.04 -5.43 -8.61
C TRP A 185 10.21 -6.39 -9.50
N LEU A 186 10.83 -7.53 -9.73
CA LEU A 186 10.22 -8.63 -10.45
C LEU A 186 9.68 -9.64 -9.40
N GLY A 187 8.35 -9.65 -9.38
CA GLY A 187 7.53 -10.47 -8.50
C GLY A 187 6.87 -11.67 -9.15
N LEU A 188 7.24 -12.83 -8.64
CA LEU A 188 6.73 -14.13 -9.10
C LEU A 188 5.88 -14.74 -7.96
N LEU A 189 4.71 -15.23 -8.36
CA LEU A 189 3.79 -15.84 -7.37
C LEU A 189 3.81 -17.35 -7.58
N ALA A 190 4.12 -18.11 -6.54
CA ALA A 190 4.21 -19.58 -6.57
C ALA A 190 3.31 -20.25 -5.52
N ASP A 191 2.65 -21.28 -5.99
CA ASP A 191 1.72 -22.14 -5.20
C ASP A 191 2.58 -23.25 -4.57
N THR A 192 3.57 -22.83 -3.82
CA THR A 192 4.56 -23.69 -3.16
C THR A 192 4.83 -23.25 -1.74
N PRO A 193 5.32 -24.17 -0.92
CA PRO A 193 5.71 -23.86 0.46
C PRO A 193 6.82 -22.80 0.49
N PRO A 194 6.55 -21.73 1.22
CA PRO A 194 7.50 -20.61 1.39
C PRO A 194 8.70 -21.07 2.20
N VAL A 195 9.86 -20.52 1.87
CA VAL A 195 11.12 -20.83 2.51
C VAL A 195 11.19 -20.55 4.00
N SER A 196 10.31 -19.79 4.60
CA SER A 196 10.38 -19.45 6.00
C SER A 196 9.09 -19.04 6.70
N HIS A 197 9.13 -19.32 8.01
CA HIS A 197 7.94 -18.96 8.83
C HIS A 197 7.93 -17.46 9.08
N GLU A 198 8.88 -16.75 8.51
CA GLU A 198 9.06 -15.31 8.59
C GLU A 198 9.61 -14.77 7.26
N LEU A 199 9.61 -13.45 7.19
CA LEU A 199 10.12 -12.75 5.99
C LEU A 199 11.63 -12.61 6.07
N ILE A 200 12.27 -12.65 4.91
CA ILE A 200 13.71 -12.56 4.73
C ILE A 200 13.98 -11.48 3.67
N TYR A 201 14.57 -10.38 4.09
CA TYR A 201 14.94 -9.31 3.11
C TYR A 201 16.46 -9.48 2.87
N ALA A 202 16.82 -9.70 1.62
CA ALA A 202 18.22 -9.97 1.30
C ALA A 202 19.01 -9.02 0.44
N ASN A 203 19.98 -8.37 1.07
CA ASN A 203 20.87 -7.41 0.36
C ASN A 203 22.06 -8.24 -0.14
N HIS A 204 22.16 -8.42 -1.44
CA HIS A 204 23.26 -9.25 -2.00
C HIS A 204 23.90 -8.55 -3.17
N PRO A 205 25.20 -8.72 -3.37
CA PRO A 205 25.95 -8.16 -4.47
C PRO A 205 25.23 -7.94 -5.80
N ARG A 206 24.51 -8.97 -6.22
CA ARG A 206 23.75 -9.04 -7.47
C ARG A 206 22.44 -8.27 -7.45
N GLY A 207 22.05 -7.78 -6.31
CA GLY A 207 20.85 -7.03 -6.06
C GLY A 207 20.09 -7.57 -4.85
N PHE A 208 18.92 -6.95 -4.68
CA PHE A 208 17.99 -7.30 -3.59
C PHE A 208 17.23 -8.56 -4.01
N ALA A 209 16.80 -9.30 -3.03
CA ALA A 209 15.97 -10.51 -3.14
C ALA A 209 14.98 -10.42 -1.96
N LEU A 210 13.75 -10.82 -2.16
CA LEU A 210 12.74 -10.82 -1.07
C LEU A 210 12.04 -12.19 -1.05
N CYS A 211 11.87 -12.71 0.13
CA CYS A 211 11.17 -14.00 0.27
C CYS A 211 9.92 -13.69 1.06
N SER A 212 8.76 -13.78 0.46
CA SER A 212 7.54 -13.48 1.28
C SER A 212 6.52 -14.59 1.16
N GLN A 213 5.33 -14.38 1.74
CA GLN A 213 4.27 -15.39 1.70
C GLN A 213 2.83 -14.94 1.65
N ARG A 214 2.01 -15.97 1.35
CA ARG A 214 0.56 -15.85 1.27
C ARG A 214 -0.09 -16.94 2.15
N SER A 215 0.56 -18.09 2.19
CA SER A 215 0.01 -19.19 3.02
C SER A 215 1.12 -20.18 3.35
N ALA A 216 0.71 -21.27 3.99
CA ALA A 216 1.65 -22.37 4.31
C ALA A 216 2.07 -22.95 2.93
N THR A 217 1.14 -22.82 1.97
CA THR A 217 1.40 -23.32 0.63
C THR A 217 1.44 -22.28 -0.44
N ARG A 218 1.53 -21.02 -0.01
CA ARG A 218 1.59 -19.93 -0.98
C ARG A 218 2.66 -18.92 -0.62
N SER A 219 3.60 -18.88 -1.56
CA SER A 219 4.76 -18.01 -1.45
C SER A 219 4.77 -16.93 -2.55
N ARG A 220 5.42 -15.86 -2.10
CA ARG A 220 5.61 -14.67 -2.95
C ARG A 220 7.11 -14.38 -2.93
N TYR A 221 7.68 -14.22 -4.12
CA TYR A 221 9.12 -13.93 -4.24
C TYR A 221 9.47 -12.79 -5.18
N TYR A 222 10.53 -12.05 -4.86
CA TYR A 222 11.04 -10.92 -5.61
C TYR A 222 12.56 -10.79 -5.80
N VAL A 223 12.90 -10.21 -6.93
CA VAL A 223 14.29 -9.89 -7.28
C VAL A 223 14.30 -8.49 -7.95
N GLN A 224 15.13 -7.60 -7.49
CA GLN A 224 15.35 -6.25 -7.98
C GLN A 224 15.84 -6.31 -9.41
N VAL A 225 15.35 -5.59 -10.37
CA VAL A 225 15.87 -5.65 -11.75
C VAL A 225 15.80 -4.26 -12.43
N PRO A 226 16.72 -4.09 -13.37
CA PRO A 226 16.82 -2.84 -14.15
C PRO A 226 15.48 -2.54 -14.78
N LEU A 227 15.18 -1.26 -14.92
CA LEU A 227 13.89 -0.80 -15.46
C LEU A 227 13.67 -1.33 -16.87
N THR A 228 14.75 -1.72 -17.50
CA THR A 228 14.81 -2.23 -18.86
C THR A 228 14.45 -3.69 -19.03
N GLU A 229 14.24 -4.38 -17.91
CA GLU A 229 13.89 -5.80 -17.97
C GLU A 229 12.45 -6.00 -18.38
N LYS A 230 12.23 -7.11 -19.07
CA LYS A 230 10.89 -7.50 -19.56
C LYS A 230 10.62 -8.93 -19.11
N VAL A 231 9.54 -9.07 -18.35
CA VAL A 231 9.12 -10.35 -17.78
C VAL A 231 9.09 -11.45 -18.81
N GLU A 232 8.78 -11.07 -20.04
CA GLU A 232 8.75 -12.02 -21.18
C GLU A 232 10.06 -12.80 -21.15
N ASP A 233 11.14 -12.16 -20.74
CA ASP A 233 12.48 -12.67 -20.62
C ASP A 233 12.73 -13.49 -19.35
N TRP A 234 11.91 -13.29 -18.35
CA TRP A 234 12.08 -14.02 -17.08
C TRP A 234 11.07 -15.17 -16.98
N SER A 235 11.61 -16.34 -17.34
CA SER A 235 10.91 -17.62 -17.30
C SER A 235 11.09 -18.09 -15.84
N ASP A 236 10.23 -19.00 -15.47
CA ASP A 236 10.28 -19.57 -14.11
C ASP A 236 11.72 -19.93 -13.72
N GLU A 237 12.34 -20.70 -14.60
CA GLU A 237 13.68 -21.22 -14.46
C GLU A 237 14.74 -20.19 -14.10
N ARG A 238 14.81 -19.17 -14.94
CA ARG A 238 15.75 -18.06 -14.79
C ARG A 238 15.56 -17.44 -13.39
N PHE A 239 14.31 -17.12 -13.09
CA PHE A 239 13.95 -16.55 -11.80
C PHE A 239 14.45 -17.45 -10.64
N TRP A 240 14.14 -18.71 -10.74
CA TRP A 240 14.52 -19.64 -9.65
C TRP A 240 16.03 -19.67 -9.40
N THR A 241 16.85 -19.58 -10.44
CA THR A 241 18.29 -19.59 -10.29
C THR A 241 18.80 -18.25 -9.76
N GLU A 242 18.13 -17.20 -10.28
CA GLU A 242 18.53 -15.83 -9.86
C GLU A 242 18.18 -15.65 -8.39
N LEU A 243 17.03 -16.18 -7.99
CA LEU A 243 16.67 -16.02 -6.55
C LEU A 243 17.75 -16.70 -5.72
N LYS A 244 17.94 -18.00 -6.00
CA LYS A 244 18.92 -18.83 -5.25
C LYS A 244 20.28 -18.17 -5.34
N ALA A 245 20.59 -17.65 -6.51
CA ALA A 245 21.88 -16.93 -6.65
C ALA A 245 21.92 -15.76 -5.68
N ARG A 246 20.80 -15.22 -5.26
CA ARG A 246 20.76 -14.11 -4.31
C ARG A 246 20.59 -14.43 -2.85
N LEU A 247 20.09 -15.56 -2.43
CA LEU A 247 19.91 -15.86 -1.00
C LEU A 247 21.05 -16.50 -0.23
N PRO A 248 20.87 -16.56 1.10
CA PRO A 248 21.82 -17.21 2.02
C PRO A 248 21.84 -18.70 1.69
N ALA A 249 22.99 -19.28 1.57
CA ALA A 249 23.28 -20.66 1.19
C ALA A 249 22.33 -21.71 1.74
N GLU A 250 22.15 -21.66 3.03
CA GLU A 250 21.29 -22.54 3.79
C GLU A 250 19.82 -22.24 3.55
N VAL A 251 19.50 -21.17 2.85
CA VAL A 251 18.11 -20.81 2.52
C VAL A 251 17.75 -21.53 1.20
N ALA A 252 18.59 -21.24 0.23
CA ALA A 252 18.48 -21.74 -1.13
C ALA A 252 18.43 -23.24 -1.17
N GLU A 253 19.07 -23.89 -0.22
CA GLU A 253 19.05 -25.39 -0.32
C GLU A 253 17.79 -25.93 0.29
N LYS A 254 17.09 -25.08 1.04
CA LYS A 254 15.82 -25.37 1.69
C LYS A 254 14.65 -25.01 0.75
N LEU A 255 14.93 -24.21 -0.25
CA LEU A 255 13.94 -23.72 -1.21
C LEU A 255 13.27 -24.68 -2.16
N VAL A 256 11.95 -24.72 -2.09
CA VAL A 256 11.04 -25.52 -2.92
C VAL A 256 10.50 -24.60 -4.04
N THR A 257 10.81 -24.91 -5.27
CA THR A 257 10.41 -24.07 -6.43
C THR A 257 9.16 -24.60 -7.09
N GLY A 258 8.73 -24.01 -8.18
CA GLY A 258 7.52 -24.44 -8.91
C GLY A 258 7.06 -23.37 -9.90
N PRO A 259 6.08 -23.74 -10.72
CA PRO A 259 5.54 -22.85 -11.75
C PRO A 259 4.90 -21.67 -11.03
N SER A 260 4.98 -20.51 -11.66
CA SER A 260 4.44 -19.25 -11.17
C SER A 260 2.99 -19.00 -11.65
N LEU A 261 2.18 -18.49 -10.76
CA LEU A 261 0.79 -18.13 -11.08
C LEU A 261 0.84 -16.82 -11.88
N GLU A 262 1.39 -15.82 -11.22
CA GLU A 262 1.59 -14.48 -11.81
C GLU A 262 3.05 -14.03 -11.70
N LYS A 263 3.50 -13.28 -12.70
CA LYS A 263 4.83 -12.70 -12.79
C LYS A 263 4.67 -11.27 -13.31
N SER A 264 5.17 -10.31 -12.55
CA SER A 264 5.10 -8.90 -12.95
C SER A 264 6.22 -8.06 -12.34
N ILE A 265 6.54 -6.99 -13.07
CA ILE A 265 7.56 -6.05 -12.61
C ILE A 265 6.96 -4.69 -12.21
N ALA A 266 7.30 -4.25 -11.01
CA ALA A 266 6.84 -2.97 -10.46
C ALA A 266 8.08 -2.09 -10.29
N PRO A 267 7.94 -0.88 -10.83
CA PRO A 267 9.04 0.10 -10.77
C PRO A 267 8.92 0.87 -9.47
N LEU A 268 10.01 1.07 -8.77
CA LEU A 268 10.03 1.81 -7.50
C LEU A 268 9.98 3.32 -7.68
N ARG A 269 8.97 3.94 -7.10
CA ARG A 269 8.76 5.39 -7.15
C ARG A 269 8.52 5.89 -5.72
N SER A 270 8.90 7.12 -5.50
CA SER A 270 8.70 7.81 -4.21
C SER A 270 7.86 9.06 -4.59
N PHE A 271 6.65 9.19 -4.07
CA PHE A 271 5.86 10.39 -4.51
C PHE A 271 4.93 10.91 -3.44
N VAL A 272 4.95 12.23 -3.34
CA VAL A 272 4.15 12.98 -2.38
C VAL A 272 3.56 14.26 -2.97
N VAL A 273 2.35 14.49 -2.50
CA VAL A 273 1.58 15.68 -2.87
C VAL A 273 1.20 16.37 -1.55
N GLU A 274 1.28 17.68 -1.59
CA GLU A 274 0.91 18.61 -0.55
C GLU A 274 0.36 19.89 -1.26
N PRO A 275 -0.85 20.29 -0.92
CA PRO A 275 -1.76 19.67 0.07
C PRO A 275 -2.58 18.55 -0.56
N MET A 276 -3.21 17.71 0.22
CA MET A 276 -4.03 16.59 -0.31
C MET A 276 -5.50 16.96 -0.50
N GLN A 277 -5.80 18.25 -0.42
CA GLN A 277 -7.17 18.73 -0.59
C GLN A 277 -7.27 19.90 -1.57
N HIS A 278 -8.52 20.09 -1.96
CA HIS A 278 -8.92 21.12 -2.90
C HIS A 278 -10.45 21.20 -2.75
N GLY A 279 -10.90 22.37 -2.36
CA GLY A 279 -12.32 22.59 -2.15
C GLY A 279 -12.95 21.46 -1.31
N ARG A 280 -13.88 20.81 -1.99
CA ARG A 280 -14.66 19.72 -1.41
C ARG A 280 -14.14 18.37 -1.86
N LEU A 281 -12.94 18.40 -2.38
CA LEU A 281 -12.16 17.26 -2.82
C LEU A 281 -10.99 17.01 -1.84
N PHE A 282 -10.93 15.77 -1.42
CA PHE A 282 -9.95 15.18 -0.49
C PHE A 282 -9.36 13.94 -1.18
N LEU A 283 -8.12 13.95 -1.61
CA LEU A 283 -7.52 12.78 -2.29
C LEU A 283 -6.86 11.89 -1.23
N ALA A 284 -7.03 10.59 -1.36
CA ALA A 284 -6.42 9.65 -0.40
C ALA A 284 -5.87 8.43 -1.13
N GLY A 285 -4.93 7.79 -0.45
CA GLY A 285 -4.21 6.61 -0.93
C GLY A 285 -3.26 6.88 -2.07
N ASP A 286 -3.31 6.06 -3.10
CA ASP A 286 -2.40 6.18 -4.24
C ASP A 286 -2.42 7.51 -4.95
N ALA A 287 -3.54 8.20 -4.96
CA ALA A 287 -3.74 9.45 -5.68
C ALA A 287 -3.09 10.63 -5.03
N ALA A 288 -2.56 10.40 -3.85
CA ALA A 288 -1.90 11.52 -3.12
C ALA A 288 -0.44 11.24 -2.88
N HIS A 289 -0.14 9.94 -2.88
CA HIS A 289 1.24 9.51 -2.61
C HIS A 289 1.52 8.05 -2.95
N ILE A 290 2.77 7.84 -3.33
CA ILE A 290 3.30 6.53 -3.68
C ILE A 290 4.55 6.23 -2.86
N VAL A 291 4.74 4.94 -2.59
CA VAL A 291 5.93 4.52 -1.88
C VAL A 291 6.47 3.25 -2.55
N PRO A 292 7.80 3.22 -2.66
CA PRO A 292 8.47 2.01 -3.16
C PRO A 292 7.96 0.89 -2.23
N PRO A 293 7.64 -0.24 -2.81
CA PRO A 293 7.12 -1.38 -2.06
C PRO A 293 8.01 -1.95 -0.96
N THR A 294 9.17 -1.40 -0.71
CA THR A 294 10.12 -1.87 0.27
C THR A 294 9.71 -1.83 1.72
N GLY A 295 9.19 -0.79 2.32
CA GLY A 295 8.85 -0.86 3.75
C GLY A 295 7.42 -1.37 3.95
N ALA A 296 6.83 -1.89 2.90
CA ALA A 296 5.42 -2.39 2.93
C ALA A 296 4.61 -1.37 3.78
N LYS A 297 4.50 -0.19 3.19
CA LYS A 297 3.88 0.98 3.78
C LYS A 297 2.73 1.54 2.98
N GLY A 298 2.62 1.19 1.74
CA GLY A 298 1.66 1.61 0.74
C GLY A 298 0.20 1.47 1.04
N LEU A 299 -0.21 0.24 1.35
CA LEU A 299 -1.61 0.01 1.71
C LEU A 299 -1.82 0.45 3.16
N ASN A 300 -0.73 0.56 3.88
CA ASN A 300 -0.80 0.92 5.31
C ASN A 300 -1.00 2.43 5.46
N LEU A 301 -0.70 3.14 4.41
CA LEU A 301 -0.78 4.60 4.41
C LEU A 301 -2.20 5.03 4.07
N ALA A 302 -2.80 4.22 3.24
CA ALA A 302 -4.19 4.48 2.82
C ALA A 302 -5.05 4.31 4.07
N ALA A 303 -4.76 3.22 4.77
CA ALA A 303 -5.59 2.99 5.98
C ALA A 303 -5.49 4.20 6.91
N SER A 304 -4.27 4.69 7.04
CA SER A 304 -4.01 5.83 7.92
C SER A 304 -4.75 7.02 7.32
N ASP A 305 -4.80 7.07 6.00
CA ASP A 305 -5.48 8.19 5.36
C ASP A 305 -6.99 8.18 5.53
N VAL A 306 -7.51 7.00 5.37
CA VAL A 306 -8.95 6.73 5.43
C VAL A 306 -9.46 6.83 6.84
N SER A 307 -8.68 6.37 7.78
CA SER A 307 -9.04 6.41 9.21
C SER A 307 -9.29 7.85 9.68
N THR A 308 -8.57 8.73 9.03
CA THR A 308 -8.51 10.17 9.21
C THR A 308 -9.70 10.84 8.57
N LEU A 309 -9.76 10.66 7.25
CA LEU A 309 -10.84 11.22 6.43
C LEU A 309 -12.17 10.79 7.05
N TYR A 310 -12.31 9.51 7.37
CA TYR A 310 -13.59 9.03 7.98
C TYR A 310 -13.96 9.80 9.23
N ARG A 311 -13.10 9.69 10.24
CA ARG A 311 -13.33 10.36 11.53
C ARG A 311 -13.59 11.82 11.44
N LEU A 312 -13.20 12.51 10.39
CA LEU A 312 -13.47 13.94 10.19
C LEU A 312 -14.83 14.14 9.50
N LEU A 313 -15.24 13.14 8.72
CA LEU A 313 -16.51 13.20 7.98
C LEU A 313 -17.63 12.98 8.97
N LEU A 314 -17.31 12.22 10.00
CA LEU A 314 -18.23 11.88 11.09
C LEU A 314 -18.60 13.15 11.86
N LYS A 315 -17.56 13.79 12.38
CA LYS A 315 -17.77 15.05 13.11
C LYS A 315 -18.64 16.01 12.29
N ALA A 316 -18.26 16.32 11.05
CA ALA A 316 -19.06 17.25 10.23
C ALA A 316 -20.47 16.70 10.05
N TYR A 317 -20.55 15.38 9.94
CA TYR A 317 -21.85 14.74 9.72
C TYR A 317 -22.73 14.67 10.93
N ARG A 318 -22.32 13.99 11.97
CA ARG A 318 -23.24 13.95 13.14
C ARG A 318 -23.05 15.14 14.08
N GLU A 319 -21.91 15.77 14.16
CA GLU A 319 -21.59 16.84 15.07
C GLU A 319 -21.48 18.22 14.51
N GLY A 320 -21.70 18.33 13.21
CA GLY A 320 -21.71 19.53 12.43
C GLY A 320 -20.47 20.38 12.36
N ARG A 321 -19.36 19.81 12.72
CA ARG A 321 -18.05 20.46 12.71
C ARG A 321 -17.41 20.32 11.33
N GLY A 322 -18.05 20.96 10.36
CA GLY A 322 -17.59 20.95 8.98
C GLY A 322 -16.17 21.50 8.84
N GLU A 323 -15.84 22.32 9.82
CA GLU A 323 -14.60 23.05 9.95
C GLU A 323 -13.31 22.28 10.03
N LEU A 324 -13.33 21.16 10.74
CA LEU A 324 -12.15 20.32 10.92
C LEU A 324 -11.60 19.78 9.63
N LEU A 325 -12.38 19.56 8.58
CA LEU A 325 -11.91 18.99 7.31
C LEU A 325 -10.72 19.73 6.71
N GLU A 326 -10.54 20.94 7.20
CA GLU A 326 -9.42 21.75 6.68
C GLU A 326 -8.11 21.19 7.13
N ARG A 327 -8.12 20.48 8.25
CA ARG A 327 -6.91 19.91 8.85
C ARG A 327 -6.58 18.52 8.30
N TYR A 328 -7.41 18.10 7.33
CA TYR A 328 -7.21 16.80 6.69
C TYR A 328 -5.76 16.63 6.28
N SER A 329 -5.27 17.50 5.41
CA SER A 329 -3.89 17.37 4.91
C SER A 329 -2.81 17.70 5.90
N ALA A 330 -3.11 18.22 7.05
CA ALA A 330 -2.03 18.56 8.03
C ALA A 330 -1.72 17.31 8.85
N ILE A 331 -2.79 16.56 9.06
CA ILE A 331 -2.83 15.30 9.79
C ILE A 331 -2.14 14.24 8.94
N CYS A 332 -2.73 13.92 7.80
CA CYS A 332 -2.15 12.93 6.87
C CYS A 332 -0.68 13.14 6.57
N LEU A 333 -0.27 14.36 6.25
CA LEU A 333 1.11 14.66 5.91
C LEU A 333 2.19 14.37 6.93
N ARG A 334 1.93 14.44 8.22
CA ARG A 334 2.87 14.11 9.29
C ARG A 334 3.25 12.63 9.17
N ARG A 335 2.21 11.82 9.08
CA ARG A 335 2.37 10.37 8.95
C ARG A 335 3.15 10.00 7.68
N ILE A 336 2.66 10.49 6.57
CA ILE A 336 3.19 10.24 5.24
C ILE A 336 4.68 10.40 5.13
N TRP A 337 5.20 11.59 5.45
CA TRP A 337 6.66 11.83 5.39
C TRP A 337 7.40 10.85 6.28
N LYS A 338 7.02 10.63 7.52
CA LYS A 338 7.80 9.66 8.34
C LYS A 338 7.70 8.28 7.68
N ALA A 339 6.68 8.06 6.89
CA ALA A 339 6.50 6.75 6.24
C ALA A 339 7.31 6.73 4.95
N GLU A 340 7.41 7.92 4.39
CA GLU A 340 8.22 8.11 3.18
C GLU A 340 9.71 8.01 3.53
N ARG A 341 10.08 8.53 4.65
CA ARG A 341 11.48 8.51 5.11
C ARG A 341 11.88 7.08 5.42
N PHE A 342 11.01 6.35 6.13
CA PHE A 342 11.37 4.97 6.47
C PHE A 342 11.60 4.10 5.23
N SER A 343 10.68 4.08 4.31
CA SER A 343 10.82 3.30 3.08
C SER A 343 12.00 3.83 2.27
N TRP A 344 12.32 5.11 2.35
CA TRP A 344 13.48 5.60 1.53
C TRP A 344 14.73 4.90 2.09
N TRP A 345 14.82 5.05 3.41
CA TRP A 345 15.94 4.47 4.16
C TRP A 345 16.06 2.97 3.88
N MET A 346 14.96 2.29 3.96
CA MET A 346 14.86 0.85 3.74
C MET A 346 15.59 0.50 2.43
N THR A 347 15.00 1.06 1.42
CA THR A 347 15.32 0.98 0.02
C THR A 347 16.79 1.21 -0.24
N SER A 348 17.26 2.38 0.19
CA SER A 348 18.67 2.75 -0.02
C SER A 348 19.64 1.70 0.52
N VAL A 349 19.38 1.10 1.68
CA VAL A 349 20.30 0.13 2.25
C VAL A 349 20.23 -1.31 1.77
N LEU A 350 19.14 -1.81 1.25
CA LEU A 350 18.98 -3.18 0.78
C LEU A 350 19.11 -3.34 -0.75
N HIS A 351 19.25 -2.24 -1.46
CA HIS A 351 19.30 -2.28 -2.93
C HIS A 351 20.64 -2.05 -3.55
N ARG A 352 20.78 -2.66 -4.72
CA ARG A 352 22.02 -2.56 -5.53
C ARG A 352 21.88 -1.29 -6.40
N PHE A 353 22.66 -0.28 -5.99
CA PHE A 353 22.58 0.97 -6.78
C PHE A 353 23.75 0.94 -7.77
N PRO A 354 23.40 1.20 -9.02
CA PRO A 354 24.44 1.28 -10.06
C PRO A 354 25.14 2.60 -9.76
N ASP A 355 26.37 2.70 -10.20
CA ASP A 355 27.20 3.89 -10.07
C ASP A 355 27.23 4.46 -8.66
N THR A 356 27.79 3.66 -7.78
CA THR A 356 28.05 3.98 -6.38
C THR A 356 29.58 3.67 -6.26
N ASP A 357 30.26 4.67 -5.79
CA ASP A 357 31.72 4.55 -5.58
C ASP A 357 31.95 3.70 -4.32
N ALA A 358 33.19 3.33 -4.02
CA ALA A 358 33.50 2.52 -2.85
C ALA A 358 33.16 3.07 -1.48
N PHE A 359 33.21 4.38 -1.30
CA PHE A 359 32.89 4.97 0.03
C PHE A 359 31.43 4.63 0.34
N SER A 360 30.55 5.09 -0.55
CA SER A 360 29.11 4.91 -0.45
C SER A 360 28.72 3.45 -0.28
N GLN A 361 29.54 2.56 -0.81
CA GLN A 361 29.32 1.11 -0.73
C GLN A 361 29.68 0.64 0.66
N ARG A 362 30.76 1.22 1.14
CA ARG A 362 31.29 0.97 2.48
C ARG A 362 30.30 1.50 3.51
N ILE A 363 29.72 2.65 3.14
CA ILE A 363 28.70 3.31 3.98
C ILE A 363 27.40 2.51 3.97
N GLN A 364 27.00 1.96 2.83
CA GLN A 364 25.78 1.11 2.77
C GLN A 364 25.96 0.00 3.83
N GLN A 365 27.04 -0.74 3.68
CA GLN A 365 27.39 -1.82 4.60
C GLN A 365 27.42 -1.35 6.05
N THR A 366 28.06 -0.23 6.30
CA THR A 366 28.11 0.25 7.70
C THR A 366 26.71 0.47 8.28
N GLU A 367 25.81 0.96 7.42
CA GLU A 367 24.43 1.17 7.90
C GLU A 367 23.90 -0.16 8.45
N LEU A 368 23.91 -1.18 7.63
CA LEU A 368 23.43 -2.50 8.02
C LEU A 368 24.05 -3.04 9.29
N GLU A 369 25.38 -3.01 9.30
CA GLU A 369 26.19 -3.48 10.42
C GLU A 369 26.07 -2.54 11.61
N TYR A 370 25.66 -1.28 11.43
CA TYR A 370 25.47 -0.40 12.58
C TYR A 370 24.06 -0.73 13.17
N TYR A 371 23.06 -0.59 12.31
CA TYR A 371 21.67 -0.76 12.70
C TYR A 371 21.22 -2.11 13.15
N LEU A 372 21.81 -3.21 12.72
CA LEU A 372 21.31 -4.55 13.13
C LEU A 372 22.17 -5.07 14.26
N GLY A 373 23.04 -4.17 14.71
CA GLY A 373 24.01 -4.46 15.74
C GLY A 373 23.74 -3.77 17.05
N SER A 374 23.17 -2.56 16.97
CA SER A 374 22.89 -1.81 18.22
C SER A 374 21.39 -1.82 18.53
N GLU A 375 21.04 -2.11 19.77
CA GLU A 375 19.69 -2.14 20.29
C GLU A 375 18.87 -0.87 20.03
N ALA A 376 19.55 0.29 20.16
CA ALA A 376 18.84 1.56 19.91
C ALA A 376 18.64 1.57 18.38
N GLY A 377 19.70 1.13 17.73
CA GLY A 377 19.63 1.06 16.24
C GLY A 377 18.42 0.17 15.91
N LEU A 378 18.42 -1.04 16.44
CA LEU A 378 17.36 -2.02 16.24
C LEU A 378 15.99 -1.40 16.49
N ALA A 379 15.86 -0.78 17.65
CA ALA A 379 14.59 -0.17 18.05
C ALA A 379 14.01 0.75 17.01
N THR A 380 14.83 1.38 16.16
CA THR A 380 14.35 2.28 15.11
C THR A 380 13.67 1.55 13.94
N ILE A 381 14.25 0.39 13.57
CA ILE A 381 13.68 -0.42 12.47
C ILE A 381 12.30 -0.89 12.90
N ALA A 382 12.21 -1.28 14.15
CA ALA A 382 11.09 -1.81 14.87
C ALA A 382 9.94 -0.87 15.13
N GLU A 383 10.24 0.35 15.55
CA GLU A 383 9.07 1.26 15.85
C GLU A 383 8.44 1.66 14.54
N ASN A 384 9.22 1.64 13.47
CA ASN A 384 8.75 2.03 12.13
C ASN A 384 8.13 0.88 11.34
N TYR A 385 8.83 -0.26 11.37
CA TYR A 385 8.42 -1.44 10.63
C TYR A 385 6.98 -1.83 11.01
N VAL A 386 6.68 -1.78 12.28
CA VAL A 386 5.36 -2.16 12.78
C VAL A 386 4.39 -1.02 12.62
N GLY A 387 4.91 0.17 12.44
CA GLY A 387 4.04 1.37 12.27
C GLY A 387 4.06 2.30 13.48
N LEU A 388 4.27 3.57 13.15
CA LEU A 388 4.30 4.68 14.12
C LEU A 388 2.87 4.85 14.58
N PRO A 389 2.68 5.37 15.76
CA PRO A 389 1.32 5.58 16.29
C PRO A 389 0.54 6.48 15.33
N TYR A 390 -0.78 6.31 15.39
CA TYR A 390 -1.71 7.18 14.63
C TYR A 390 -1.92 8.38 15.59
N GLU A 391 -2.44 9.46 15.05
CA GLU A 391 -2.66 10.66 15.88
C GLU A 391 -4.08 11.17 15.85
#